data_7CKK
#
_entry.id   7CKK
#
_cell.length_a   142.124
_cell.length_b   142.124
_cell.length_c   84.539
_cell.angle_alpha   90.000
_cell.angle_beta   90.000
_cell.angle_gamma   120.000
#
_symmetry.space_group_name_H-M   'H 3'
#
loop_
_entity.id
_entity.type
_entity.pdbx_description
1 polymer 'Alpha-ketoglutarate-dependent dioxygenase FTO'
2 non-polymer N-OXALYLGLYCINE
3 non-polymer 2-{[2,6-dichloro-4-(3,5-dimethyl-1H-pyrazol-4-yl)phenyl]amino}-N-hydroxybenzamide
4 water water
#
_entity_poly.entity_id   1
_entity_poly.type   'polypeptide(L)'
_entity_poly.pdbx_seq_one_letter_code
;GSHMTPKDDEFYQQWQLLYPKLILREASSVSEELHKEVQEAFLTLHKHGCLFRDLVRIQGKDLLTPVSRILIGNPGCTYK
YLNTRLFTVPWPVKGSNIKHTEAEIAAACETFLKLNDYLQIETIQALEELAAKEKANEDAVPLCMSADFPRVGMGSSYNG
QDEVDIKSRAAYNVTLLNFMDPQKMPYLKEEPYFGMGKMAVSWHHDENLVDRSAVAVYSYSCEGPEEESEDDSHLEGRDP
DIWHVGFKISWDIETPGLAIPLHQGDCYFMLDDLNATHQHCVLAGSQPRFSSTHRVAECSTGTLDYILQRCQLALQNVCD
DVDNDDVSLKSFEPAVLKQGEEIHNEVEFEWLRQFWFQGNRYRKCTDWWCQPMAQLEALWKKMEGVTNAVLHEVKREGLP
VEQRNEILTAILASLTARQNLRREWHARCQSRIARTLPADQKPECRPYWEKDDASMPLPFDLTDIVSELRGQL
;
_entity_poly.pdbx_strand_id   A
#
loop_
_chem_comp.id
_chem_comp.type
_chem_comp.name
_chem_comp.formula
B6C non-polymer 2-{[2,6-dichloro-4-(3,5-dimethyl-1H-pyrazol-4-yl)phenyl]amino}-N-hydroxybenzamide 'C18 H16 Cl2 N4 O2'
OGA non-polymer N-OXALYLGLYCINE 'C4 H5 N O5'
#
# COMPACT_ATOMS: atom_id res chain seq x y z
N GLY A 1 -11.10 29.45 -13.41
CA GLY A 1 -10.06 28.38 -13.28
C GLY A 1 -9.66 27.80 -14.63
N SER A 2 -8.35 27.77 -14.92
CA SER A 2 -7.82 27.33 -16.24
C SER A 2 -6.52 26.51 -16.12
N HIS A 3 -6.09 25.91 -17.23
CA HIS A 3 -4.86 25.12 -17.26
C HIS A 3 -4.04 25.33 -18.50
N MET A 4 -2.77 24.93 -18.45
CA MET A 4 -1.83 25.15 -19.54
C MET A 4 -1.23 23.85 -20.05
N THR A 5 -1.18 23.76 -21.38
CA THR A 5 -0.49 22.71 -22.13
C THR A 5 0.64 23.32 -22.96
N PRO A 6 1.47 22.50 -23.62
CA PRO A 6 2.47 23.04 -24.57
C PRO A 6 1.94 23.97 -25.68
N LYS A 7 0.63 23.93 -25.95
CA LYS A 7 -0.04 24.89 -26.84
C LYS A 7 0.00 26.35 -26.34
N ASP A 8 0.03 26.53 -25.02
CA ASP A 8 0.01 27.86 -24.40
C ASP A 8 1.43 28.42 -24.29
N ASP A 9 1.58 29.70 -24.62
CA ASP A 9 2.89 30.37 -24.60
C ASP A 9 3.46 30.51 -23.20
N GLU A 10 2.58 30.63 -22.21
CA GLU A 10 2.93 30.75 -20.80
C GLU A 10 3.33 29.43 -20.10
N PHE A 11 3.06 28.29 -20.75
CA PHE A 11 3.36 26.93 -20.24
C PHE A 11 4.80 26.82 -19.76
N TYR A 12 5.70 27.26 -20.61
CA TYR A 12 7.10 26.97 -20.48
C TYR A 12 7.68 27.79 -19.32
N GLN A 13 7.20 29.02 -19.13
CA GLN A 13 7.59 29.83 -17.98
C GLN A 13 6.85 29.47 -16.68
N GLN A 14 5.61 28.99 -16.78
CA GLN A 14 4.87 28.61 -15.58
C GLN A 14 5.50 27.35 -14.99
N TRP A 15 5.95 26.44 -15.85
CA TRP A 15 6.69 25.25 -15.42
C TRP A 15 7.93 25.65 -14.60
N GLN A 16 8.77 26.47 -15.20
CA GLN A 16 10.03 26.94 -14.61
C GLN A 16 9.86 27.71 -13.30
N LEU A 17 8.77 28.46 -13.14
CA LEU A 17 8.56 29.32 -11.96
C LEU A 17 7.63 28.79 -10.85
N LEU A 18 6.65 27.95 -11.20
CA LEU A 18 5.71 27.42 -10.18
C LEU A 18 5.64 25.88 -10.05
N TYR A 19 6.31 25.15 -10.96
CA TYR A 19 6.41 23.67 -10.88
C TYR A 19 7.82 23.15 -11.24
N PRO A 20 8.90 23.79 -10.73
CA PRO A 20 10.27 23.44 -11.15
C PRO A 20 10.83 22.09 -10.66
N LYS A 21 10.21 21.48 -9.64
CA LYS A 21 10.67 20.16 -9.17
C LYS A 21 10.03 19.00 -9.93
N LEU A 22 9.24 19.33 -10.94
CA LEU A 22 8.76 18.39 -11.92
C LEU A 22 9.71 18.35 -13.09
N ILE A 23 10.18 17.16 -13.45
CA ILE A 23 11.05 16.93 -14.59
C ILE A 23 10.39 15.95 -15.55
N LEU A 24 10.56 16.19 -16.85
CA LEU A 24 10.10 15.30 -17.88
C LEU A 24 11.29 14.84 -18.69
N ARG A 25 11.39 13.54 -18.96
CA ARG A 25 12.39 13.00 -19.85
C ARG A 25 11.60 12.19 -20.86
N GLU A 26 11.64 12.62 -22.11
CA GLU A 26 10.75 12.10 -23.14
C GLU A 26 11.24 10.78 -23.68
N ALA A 27 10.33 10.11 -24.36
CA ALA A 27 10.59 8.77 -24.92
C ALA A 27 11.92 8.70 -25.63
N SER A 28 12.24 9.73 -26.43
CA SER A 28 13.50 9.82 -27.19
C SER A 28 14.77 9.69 -26.34
N SER A 29 14.74 10.19 -25.10
CA SER A 29 15.89 10.09 -24.19
C SER A 29 16.12 8.69 -23.59
N VAL A 30 15.18 7.77 -23.77
CA VAL A 30 15.26 6.41 -23.21
C VAL A 30 15.58 5.43 -24.33
N SER A 31 16.55 4.53 -24.08
CA SER A 31 16.99 3.58 -25.09
C SER A 31 15.84 2.72 -25.61
N GLU A 32 15.84 2.48 -26.92
CA GLU A 32 14.88 1.61 -27.60
C GLU A 32 14.91 0.18 -27.06
N GLU A 33 16.09 -0.31 -26.67
CA GLU A 33 16.22 -1.61 -25.99
C GLU A 33 15.24 -1.67 -24.81
N LEU A 34 15.36 -0.70 -23.91
CA LEU A 34 14.53 -0.66 -22.70
C LEU A 34 13.02 -0.53 -22.99
N HIS A 35 12.64 0.35 -23.92
CA HIS A 35 11.23 0.53 -24.32
C HIS A 35 10.52 -0.79 -24.69
N LYS A 36 11.14 -1.56 -25.57
CA LYS A 36 10.58 -2.82 -26.04
C LYS A 36 10.39 -3.80 -24.89
N GLU A 37 11.48 -4.05 -24.16
CA GLU A 37 11.46 -4.95 -23.00
C GLU A 37 10.39 -4.54 -21.97
N VAL A 38 10.39 -3.28 -21.57
CA VAL A 38 9.46 -2.75 -20.57
C VAL A 38 8.01 -2.81 -21.04
N GLN A 39 7.78 -2.54 -22.32
CA GLN A 39 6.43 -2.62 -22.88
C GLN A 39 5.95 -4.06 -23.05
N GLU A 40 6.87 -4.95 -23.44
CA GLU A 40 6.57 -6.39 -23.52
C GLU A 40 6.24 -6.92 -22.11
N ALA A 41 6.99 -6.47 -21.11
CA ALA A 41 6.71 -6.83 -19.70
C ALA A 41 5.33 -6.39 -19.20
N PHE A 42 4.84 -5.20 -19.59
CA PHE A 42 3.45 -4.81 -19.30
C PHE A 42 2.47 -5.79 -19.96
N LEU A 43 2.63 -5.98 -21.28
CA LEU A 43 1.77 -6.89 -22.05
C LEU A 43 1.77 -8.34 -21.52
N THR A 44 2.96 -8.81 -21.15
CA THR A 44 3.12 -10.09 -20.44
C THR A 44 2.24 -10.16 -19.19
N LEU A 45 2.46 -9.22 -18.25
CA LEU A 45 1.75 -9.22 -16.98
C LEU A 45 0.24 -9.05 -17.17
N HIS A 46 -0.18 -8.25 -18.14
CA HIS A 46 -1.62 -8.16 -18.48
C HIS A 46 -2.19 -9.49 -18.96
N LYS A 47 -1.45 -10.21 -19.82
CA LYS A 47 -1.93 -11.49 -20.41
C LYS A 47 -2.24 -12.54 -19.35
N HIS A 48 -1.28 -12.76 -18.46
CA HIS A 48 -1.45 -13.68 -17.32
C HIS A 48 -2.50 -13.23 -16.28
N GLY A 49 -3.00 -11.99 -16.39
CA GLY A 49 -4.03 -11.48 -15.49
C GLY A 49 -3.50 -11.08 -14.12
N CYS A 50 -2.24 -10.64 -14.07
CA CYS A 50 -1.59 -10.24 -12.81
C CYS A 50 -2.08 -8.92 -12.17
N LEU A 51 -2.85 -8.11 -12.90
CA LEU A 51 -3.27 -6.79 -12.45
C LEU A 51 -4.73 -6.80 -12.00
N PHE A 52 -4.98 -6.31 -10.80
CA PHE A 52 -6.31 -6.33 -10.20
C PHE A 52 -6.72 -4.96 -9.70
N ARG A 53 -8.02 -4.70 -9.84
CA ARG A 53 -8.67 -3.59 -9.17
C ARG A 53 -8.72 -3.91 -7.66
N ASP A 54 -8.62 -2.89 -6.80
CA ASP A 54 -8.58 -3.08 -5.35
C ASP A 54 -9.89 -2.60 -4.75
N LEU A 55 -10.34 -3.29 -3.71
CA LEU A 55 -11.56 -2.95 -2.99
C LEU A 55 -11.08 -2.07 -1.83
N VAL A 56 -10.99 -0.79 -2.12
CA VAL A 56 -10.33 0.19 -1.28
C VAL A 56 -11.39 0.76 -0.33
N ARG A 57 -10.98 1.66 0.56
CA ARG A 57 -11.90 2.37 1.46
C ARG A 57 -11.53 3.86 1.58
N ILE A 58 -12.53 4.73 1.47
CA ILE A 58 -12.35 6.19 1.54
C ILE A 58 -13.56 6.78 2.27
N GLN A 59 -13.31 7.35 3.44
CA GLN A 59 -14.34 8.02 4.25
C GLN A 59 -15.58 7.14 4.49
N GLY A 60 -15.35 5.89 4.88
CA GLY A 60 -16.43 4.93 5.17
C GLY A 60 -16.99 4.13 4.00
N LYS A 61 -16.78 4.60 2.77
CA LYS A 61 -17.41 4.03 1.58
C LYS A 61 -16.47 3.03 0.90
N ASP A 62 -16.96 1.80 0.71
CA ASP A 62 -16.22 0.75 0.01
C ASP A 62 -16.31 0.96 -1.52
N LEU A 63 -15.15 1.14 -2.15
CA LEU A 63 -15.05 1.56 -3.54
C LEU A 63 -14.06 0.73 -4.31
N LEU A 64 -14.43 0.38 -5.53
CA LEU A 64 -13.55 -0.33 -6.43
C LEU A 64 -12.73 0.68 -7.20
N THR A 65 -11.45 0.41 -7.40
CA THR A 65 -10.60 1.36 -8.12
C THR A 65 -10.79 1.23 -9.62
N PRO A 66 -10.99 2.35 -10.33
CA PRO A 66 -10.97 2.28 -11.79
C PRO A 66 -9.80 1.49 -12.38
N VAL A 67 -8.59 1.74 -11.88
CA VAL A 67 -7.39 1.22 -12.50
C VAL A 67 -7.03 -0.12 -11.84
N SER A 68 -6.27 -0.92 -12.59
CA SER A 68 -5.84 -2.25 -12.18
C SER A 68 -4.35 -2.17 -11.96
N ARG A 69 -3.88 -2.79 -10.89
CA ARG A 69 -2.51 -2.64 -10.52
C ARG A 69 -1.90 -3.92 -9.95
N ILE A 70 -0.58 -3.92 -9.92
CA ILE A 70 0.18 -4.90 -9.17
C ILE A 70 1.37 -4.19 -8.60
N LEU A 71 1.78 -4.56 -7.40
CA LEU A 71 3.00 -4.05 -6.79
C LEU A 71 4.19 -5.01 -6.99
N ILE A 72 5.29 -4.49 -7.52
CA ILE A 72 6.53 -5.23 -7.68
C ILE A 72 7.61 -4.50 -6.89
N GLY A 73 8.49 -5.24 -6.23
CA GLY A 73 9.53 -4.60 -5.45
C GLY A 73 10.42 -5.54 -4.66
N ASN A 74 11.20 -4.98 -3.76
CA ASN A 74 12.03 -5.78 -2.87
C ASN A 74 11.27 -6.86 -2.14
N PRO A 75 11.93 -8.03 -1.91
CA PRO A 75 11.23 -9.15 -1.29
C PRO A 75 10.87 -8.82 0.12
N GLY A 76 9.64 -9.11 0.53
CA GLY A 76 9.16 -8.79 1.88
C GLY A 76 8.66 -7.36 2.15
N CYS A 77 8.66 -6.50 1.14
CA CYS A 77 8.29 -5.10 1.31
C CYS A 77 6.80 -4.90 1.00
N THR A 78 6.15 -3.98 1.72
CA THR A 78 4.74 -3.60 1.45
C THR A 78 4.58 -2.10 1.22
N TYR A 79 3.51 -1.73 0.52
CA TYR A 79 3.15 -0.35 0.25
C TYR A 79 1.67 -0.17 0.54
N LYS A 80 1.37 0.72 1.47
CA LYS A 80 0.02 0.97 1.90
C LYS A 80 -0.50 2.20 1.16
N TYR A 81 -1.62 2.04 0.46
CA TYR A 81 -2.38 3.19 -0.05
C TYR A 81 -3.89 2.90 0.10
N LEU A 82 -4.62 3.91 0.56
CA LEU A 82 -6.10 3.90 0.68
C LEU A 82 -6.57 2.75 1.54
N ASN A 83 -5.89 2.63 2.67
CA ASN A 83 -6.12 1.64 3.71
C ASN A 83 -5.93 0.22 3.27
N THR A 84 -5.20 -0.01 2.18
CA THR A 84 -5.00 -1.34 1.63
C THR A 84 -3.51 -1.59 1.55
N ARG A 85 -3.03 -2.63 2.22
CA ARG A 85 -1.63 -2.96 2.19
C ARG A 85 -1.42 -3.92 1.02
N LEU A 86 -0.63 -3.49 0.03
CA LEU A 86 -0.20 -4.30 -1.08
C LEU A 86 1.17 -4.91 -0.78
N PHE A 87 1.35 -6.15 -1.22
CA PHE A 87 2.49 -6.99 -0.89
C PHE A 87 3.31 -7.15 -2.17
N THR A 88 4.63 -7.04 -2.10
CA THR A 88 5.43 -7.08 -3.32
C THR A 88 5.37 -8.45 -3.95
N VAL A 89 5.05 -8.49 -5.24
CA VAL A 89 5.58 -9.54 -6.10
C VAL A 89 7.09 -9.25 -6.17
N PRO A 90 7.92 -10.18 -5.70
CA PRO A 90 9.35 -9.87 -5.54
C PRO A 90 10.10 -9.72 -6.87
N TRP A 91 11.11 -8.86 -6.91
CA TRP A 91 12.03 -8.77 -8.05
C TRP A 91 13.41 -9.30 -7.65
N PRO A 92 14.16 -9.89 -8.60
CA PRO A 92 15.37 -10.63 -8.19
C PRO A 92 16.57 -9.74 -7.82
N VAL A 93 16.87 -9.64 -6.52
CA VAL A 93 18.09 -8.97 -6.04
C VAL A 93 18.73 -9.85 -4.93
N LYS A 94 20.00 -10.22 -5.12
CA LYS A 94 20.80 -11.02 -4.14
C LYS A 94 20.15 -12.36 -3.69
N GLY A 95 19.65 -13.14 -4.65
CA GLY A 95 18.98 -14.44 -4.41
C GLY A 95 17.71 -14.33 -3.55
N GLU A 102 4.97 -18.90 -14.47
CA GLU A 102 5.85 -18.38 -13.44
C GLU A 102 7.21 -17.88 -13.99
N ALA A 103 7.66 -18.41 -15.14
CA ALA A 103 8.97 -18.02 -15.74
C ALA A 103 8.92 -16.74 -16.58
N GLU A 104 7.83 -16.53 -17.30
CA GLU A 104 7.56 -15.25 -17.98
C GLU A 104 7.39 -14.10 -16.96
N ILE A 105 6.77 -14.42 -15.83
CA ILE A 105 6.50 -13.45 -14.78
C ILE A 105 7.79 -13.03 -14.04
N ALA A 106 8.70 -13.98 -13.82
CA ALA A 106 10.01 -13.64 -13.24
C ALA A 106 10.85 -12.78 -14.18
N ALA A 107 10.63 -12.96 -15.49
CA ALA A 107 11.28 -12.15 -16.53
C ALA A 107 10.80 -10.71 -16.50
N ALA A 108 9.48 -10.51 -16.39
CA ALA A 108 8.87 -9.18 -16.30
C ALA A 108 9.31 -8.43 -15.04
N CYS A 109 9.30 -9.11 -13.89
CA CYS A 109 9.75 -8.50 -12.63
C CYS A 109 11.19 -8.02 -12.72
N GLU A 110 12.03 -8.80 -13.37
CA GLU A 110 13.45 -8.47 -13.57
C GLU A 110 13.60 -7.27 -14.51
N THR A 111 12.76 -7.21 -15.55
CA THR A 111 12.71 -6.03 -16.41
C THR A 111 12.46 -4.77 -15.57
N PHE A 112 11.42 -4.80 -14.75
CA PHE A 112 11.06 -3.64 -13.92
C PHE A 112 12.07 -3.33 -12.84
N LEU A 113 12.91 -4.30 -12.48
CA LEU A 113 14.12 -4.01 -11.71
C LEU A 113 15.17 -3.28 -12.54
N LYS A 114 15.32 -3.70 -13.81
CA LYS A 114 16.23 -3.04 -14.74
C LYS A 114 15.76 -1.60 -14.95
N LEU A 115 14.48 -1.43 -15.26
CA LEU A 115 13.84 -0.10 -15.31
C LEU A 115 14.06 0.68 -14.03
N ASN A 116 13.86 0.03 -12.88
CA ASN A 116 14.13 0.66 -11.57
C ASN A 116 15.56 1.20 -11.40
N ASP A 117 16.55 0.44 -11.84
CA ASP A 117 17.96 0.87 -11.79
C ASP A 117 18.20 2.11 -12.67
N TYR A 118 17.65 2.10 -13.88
CA TYR A 118 17.79 3.21 -14.84
C TYR A 118 17.24 4.52 -14.28
N LEU A 119 15.98 4.45 -13.86
CA LEU A 119 15.25 5.60 -13.29
C LEU A 119 15.89 6.16 -12.05
N GLN A 120 16.55 5.30 -11.30
CA GLN A 120 17.29 5.70 -10.11
C GLN A 120 18.50 6.58 -10.45
N ILE A 121 19.24 6.20 -11.49
CA ILE A 121 20.41 6.96 -11.92
C ILE A 121 19.96 8.30 -12.53
N GLU A 122 18.90 8.26 -13.35
CA GLU A 122 18.24 9.48 -13.85
C GLU A 122 17.77 10.40 -12.74
N THR A 123 17.19 9.85 -11.68
CA THR A 123 16.71 10.65 -10.55
C THR A 123 17.83 11.29 -9.75
N ILE A 124 18.89 10.52 -9.48
CA ILE A 124 20.06 11.02 -8.74
C ILE A 124 20.68 12.17 -9.51
N GLN A 125 20.89 11.93 -10.80
CA GLN A 125 21.41 12.95 -11.73
C GLN A 125 20.55 14.21 -11.69
N ALA A 126 19.25 14.05 -11.89
CA ALA A 126 18.30 15.18 -11.88
C ALA A 126 18.30 15.96 -10.57
N LEU A 127 18.46 15.25 -9.45
CA LEU A 127 18.53 15.88 -8.11
C LEU A 127 19.86 16.61 -7.87
N GLU A 128 20.93 16.14 -8.50
CA GLU A 128 22.20 16.86 -8.49
C GLU A 128 22.01 18.22 -9.17
N GLU A 129 21.44 18.20 -10.38
CA GLU A 129 21.16 19.43 -11.14
C GLU A 129 20.24 20.41 -10.42
N LEU A 130 19.24 19.89 -9.70
CA LEU A 130 18.38 20.74 -8.84
C LEU A 130 19.14 21.45 -7.71
N ALA A 131 20.13 20.77 -7.12
CA ALA A 131 20.93 21.36 -6.04
C ALA A 131 21.91 22.43 -6.56
N ALA A 132 22.57 22.15 -7.68
CA ALA A 132 23.45 23.11 -8.37
C ALA A 132 22.78 24.47 -8.63
N LYS A 133 21.52 24.42 -9.06
CA LYS A 133 20.71 25.63 -9.21
C LYS A 133 20.47 26.26 -7.83
N GLU A 134 19.91 25.48 -6.89
CA GLU A 134 19.55 25.97 -5.55
C GLU A 134 20.76 26.14 -4.63
N ASP A 162 23.72 15.47 3.06
CA ASP A 162 24.92 15.24 2.26
C ASP A 162 24.51 14.62 0.91
N GLU A 163 25.48 14.02 0.21
CA GLU A 163 25.20 13.21 -1.00
C GLU A 163 24.60 11.82 -0.68
N VAL A 164 24.55 11.46 0.61
CA VAL A 164 23.75 10.30 1.08
C VAL A 164 22.24 10.55 1.03
N ASP A 165 21.82 11.79 1.35
CA ASP A 165 20.40 12.19 1.27
C ASP A 165 19.83 12.03 -0.13
N ILE A 166 20.58 12.45 -1.13
CA ILE A 166 20.15 12.30 -2.52
C ILE A 166 19.99 10.80 -2.81
N LYS A 167 20.97 10.00 -2.41
CA LYS A 167 20.95 8.54 -2.59
C LYS A 167 19.70 7.89 -2.00
N SER A 168 19.39 8.21 -0.74
CA SER A 168 18.26 7.58 -0.05
C SER A 168 16.88 8.05 -0.57
N ARG A 169 16.82 9.25 -1.12
CA ARG A 169 15.58 9.81 -1.70
C ARG A 169 15.31 9.35 -3.11
N ALA A 170 16.29 8.69 -3.72
CA ALA A 170 16.13 8.03 -5.00
C ALA A 170 16.17 6.51 -4.93
N ALA A 171 16.32 5.93 -3.73
CA ALA A 171 16.54 4.47 -3.59
C ALA A 171 15.20 3.76 -3.64
N TYR A 172 14.65 3.67 -4.85
CA TYR A 172 13.33 3.09 -5.06
C TYR A 172 13.32 1.62 -4.65
N ASN A 173 12.39 1.25 -3.74
CA ASN A 173 12.20 -0.13 -3.25
C ASN A 173 11.01 -0.87 -3.87
N VAL A 174 10.10 -0.15 -4.53
CA VAL A 174 8.92 -0.73 -5.15
C VAL A 174 8.53 0.06 -6.38
N THR A 175 7.70 -0.55 -7.21
CA THR A 175 7.00 0.15 -8.25
C THR A 175 5.58 -0.35 -8.25
N LEU A 176 4.61 0.57 -8.34
CA LEU A 176 3.21 0.23 -8.46
C LEU A 176 2.88 0.39 -9.93
N LEU A 177 2.61 -0.74 -10.60
CA LEU A 177 2.20 -0.74 -12.02
C LEU A 177 0.71 -0.55 -12.11
N ASN A 178 0.23 0.21 -13.10
CA ASN A 178 -1.19 0.51 -13.23
C ASN A 178 -1.64 0.22 -14.65
N PHE A 179 -2.95 -0.05 -14.82
CA PHE A 179 -3.57 -0.19 -16.13
C PHE A 179 -5.02 0.30 -16.07
N MET A 180 -5.42 1.01 -17.12
CA MET A 180 -6.82 1.35 -17.32
C MET A 180 -7.11 1.36 -18.82
N ASP A 181 -8.17 0.67 -19.21
CA ASP A 181 -8.80 0.82 -20.52
C ASP A 181 -9.94 1.76 -20.24
N PRO A 182 -9.89 2.99 -20.80
CA PRO A 182 -10.95 3.97 -20.51
C PRO A 182 -12.28 3.69 -21.24
N GLN A 183 -12.23 2.90 -22.33
CA GLN A 183 -13.45 2.50 -23.06
C GLN A 183 -14.31 1.48 -22.31
N LYS A 184 -13.77 0.90 -21.23
CA LYS A 184 -14.52 0.01 -20.33
C LYS A 184 -14.90 0.72 -19.01
N MET A 185 -15.01 2.05 -19.04
CA MET A 185 -15.67 2.85 -17.99
C MET A 185 -16.95 3.45 -18.60
N PRO A 186 -18.12 3.30 -17.93
CA PRO A 186 -19.37 3.86 -18.49
C PRO A 186 -19.45 5.40 -18.53
N TYR A 187 -18.73 6.07 -17.64
CA TYR A 187 -18.69 7.55 -17.54
C TYR A 187 -17.53 7.93 -16.62
N LEU A 188 -16.61 8.77 -17.10
CA LEU A 188 -15.46 9.20 -16.30
C LEU A 188 -15.78 10.53 -15.66
N LYS A 189 -15.26 10.74 -14.45
CA LYS A 189 -15.47 11.99 -13.72
C LYS A 189 -14.82 13.15 -14.47
N GLU A 190 -15.44 14.31 -14.44
CA GLU A 190 -14.82 15.54 -14.95
C GLU A 190 -13.85 16.13 -13.89
N GLU A 191 -12.72 16.64 -14.37
CA GLU A 191 -11.78 17.39 -13.54
C GLU A 191 -12.45 18.69 -13.14
N PRO A 192 -12.60 18.94 -11.82
CA PRO A 192 -13.51 20.01 -11.40
C PRO A 192 -13.03 21.45 -11.33
N TYR A 193 -11.73 21.72 -11.34
CA TYR A 193 -11.23 23.11 -11.04
C TYR A 193 -10.69 23.86 -12.24
N PHE A 194 -10.17 23.14 -13.22
CA PHE A 194 -9.38 23.72 -14.31
C PHE A 194 -9.85 23.33 -15.74
N GLY A 195 -10.96 22.60 -15.85
CA GLY A 195 -11.49 22.15 -17.14
C GLY A 195 -10.59 21.23 -17.92
N MET A 196 -9.86 20.34 -17.23
CA MET A 196 -8.92 19.43 -17.89
C MET A 196 -9.59 18.19 -18.48
N GLY A 197 -10.92 18.13 -18.39
CA GLY A 197 -11.67 17.06 -19.02
C GLY A 197 -11.67 15.85 -18.11
N LYS A 198 -11.62 14.68 -18.72
CA LYS A 198 -11.82 13.43 -18.02
C LYS A 198 -10.64 13.02 -17.15
N MET A 199 -10.95 12.51 -15.95
CA MET A 199 -9.96 12.04 -15.00
C MET A 199 -10.03 10.56 -14.82
N ALA A 200 -8.89 9.91 -14.95
CA ALA A 200 -8.74 8.52 -14.61
C ALA A 200 -8.52 8.35 -13.09
N VAL A 201 -7.74 9.29 -12.50
CA VAL A 201 -7.41 9.33 -11.07
C VAL A 201 -7.54 10.78 -10.58
N SER A 202 -8.33 11.01 -9.55
CA SER A 202 -8.52 12.35 -9.00
C SER A 202 -7.27 12.93 -8.35
N TRP A 203 -7.33 14.24 -8.13
CA TRP A 203 -6.31 14.99 -7.45
C TRP A 203 -5.94 14.33 -6.10
N HIS A 204 -4.65 14.02 -5.94
CA HIS A 204 -4.14 13.48 -4.66
C HIS A 204 -2.63 13.69 -4.51
N HIS A 205 -2.14 13.31 -3.33
CA HIS A 205 -0.72 13.07 -3.03
C HIS A 205 -0.48 11.57 -2.95
N ASP A 206 0.67 11.10 -3.42
CA ASP A 206 1.09 9.72 -3.16
C ASP A 206 1.41 9.56 -1.66
N GLU A 207 0.58 8.79 -0.94
CA GLU A 207 0.78 8.49 0.49
C GLU A 207 2.01 7.62 0.76
N ASN A 208 2.46 7.73 2.01
CA ASN A 208 3.31 6.72 2.65
C ASN A 208 4.63 6.55 1.93
N LEU A 209 5.26 7.67 1.61
CA LEU A 209 6.57 7.68 0.96
C LEU A 209 7.52 8.23 1.97
N VAL A 210 8.79 7.87 1.85
CA VAL A 210 9.82 8.54 2.66
C VAL A 210 9.76 10.06 2.40
N ASP A 211 9.83 10.84 3.47
CA ASP A 211 9.84 12.31 3.40
C ASP A 211 10.82 12.81 2.34
N ARG A 212 10.34 13.72 1.49
CA ARG A 212 11.09 14.32 0.39
C ARG A 212 11.65 13.34 -0.64
N SER A 213 11.12 12.13 -0.68
CA SER A 213 11.57 11.14 -1.66
C SER A 213 10.95 11.41 -3.02
N ALA A 214 11.66 10.97 -4.04
CA ALA A 214 11.29 11.22 -5.40
C ALA A 214 10.36 10.15 -5.88
N VAL A 215 9.65 10.45 -6.95
CA VAL A 215 8.82 9.48 -7.63
C VAL A 215 9.13 9.56 -9.11
N ALA A 216 9.25 8.41 -9.75
CA ALA A 216 9.66 8.31 -11.14
C ALA A 216 8.61 7.50 -11.83
N VAL A 217 8.13 7.97 -12.97
CA VAL A 217 7.04 7.29 -13.65
C VAL A 217 7.34 7.05 -15.11
N TYR A 218 7.23 5.79 -15.53
CA TYR A 218 7.31 5.41 -16.93
C TYR A 218 5.89 5.28 -17.43
N SER A 219 5.52 6.08 -18.42
CA SER A 219 4.17 6.06 -19.00
C SER A 219 4.18 5.42 -20.38
N TYR A 220 3.14 4.64 -20.69
CA TYR A 220 3.03 3.92 -21.95
C TYR A 220 1.56 3.83 -22.39
N SER A 221 1.17 4.75 -23.28
CA SER A 221 -0.12 4.69 -23.99
C SER A 221 0.00 3.75 -25.20
N CYS A 222 -1.01 2.90 -25.39
CA CYS A 222 -0.98 1.88 -26.44
C CYS A 222 -1.53 2.41 -27.76
N GLU A 236 -8.50 24.02 -28.37
CA GLU A 236 -8.81 24.91 -27.25
C GLU A 236 -7.96 24.62 -25.99
N GLY A 237 -8.21 23.49 -25.34
CA GLY A 237 -7.48 23.06 -24.13
C GLY A 237 -6.64 21.84 -24.43
N ARG A 238 -6.55 20.93 -23.45
CA ARG A 238 -5.75 19.71 -23.59
C ARG A 238 -6.51 18.75 -24.49
N ASP A 239 -5.75 18.00 -25.28
CA ASP A 239 -6.31 17.04 -26.24
C ASP A 239 -6.97 15.87 -25.49
N PRO A 240 -8.30 15.67 -25.66
CA PRO A 240 -9.00 14.62 -24.88
C PRO A 240 -8.57 13.19 -25.16
N ASP A 241 -8.02 12.92 -26.34
CA ASP A 241 -7.59 11.58 -26.73
C ASP A 241 -6.21 11.17 -26.21
N ILE A 242 -5.44 12.11 -25.66
CA ILE A 242 -4.07 11.86 -25.20
C ILE A 242 -4.02 11.85 -23.67
N TRP A 243 -3.19 10.98 -23.10
CA TRP A 243 -3.03 10.93 -21.65
C TRP A 243 -2.15 12.07 -21.16
N HIS A 244 -2.58 12.68 -20.05
CA HIS A 244 -1.81 13.70 -19.34
C HIS A 244 -1.70 13.39 -17.84
N VAL A 245 -0.60 13.82 -17.23
CA VAL A 245 -0.52 14.00 -15.80
C VAL A 245 -0.81 15.46 -15.53
N GLY A 246 -1.68 15.72 -14.57
CA GLY A 246 -2.04 17.08 -14.22
C GLY A 246 -1.35 17.42 -12.91
N PHE A 247 -0.95 18.68 -12.75
CA PHE A 247 -0.44 19.20 -11.46
C PHE A 247 -1.10 20.50 -11.10
N LYS A 248 -1.34 20.66 -9.80
CA LYS A 248 -1.76 21.89 -9.18
C LYS A 248 -1.00 22.08 -7.86
N ILE A 249 -0.96 23.32 -7.37
CA ILE A 249 -0.45 23.62 -6.03
C ILE A 249 -1.56 23.25 -5.05
N SER A 250 -1.18 22.62 -3.94
CA SER A 250 -2.16 22.28 -2.87
C SER A 250 -2.87 23.53 -2.41
N TRP A 251 -4.13 23.37 -2.03
CA TRP A 251 -4.97 24.47 -1.52
C TRP A 251 -5.44 25.50 -2.54
N ASP A 252 -4.93 25.41 -3.77
CA ASP A 252 -4.92 26.53 -4.71
C ASP A 252 -5.58 26.13 -6.04
N ILE A 253 -6.70 26.78 -6.36
CA ILE A 253 -7.30 26.64 -7.70
C ILE A 253 -7.24 27.95 -8.52
N GLU A 254 -6.46 28.92 -8.04
CA GLU A 254 -6.22 30.16 -8.76
C GLU A 254 -5.03 30.06 -9.68
N THR A 255 -3.89 29.60 -9.18
CA THR A 255 -2.75 29.33 -10.06
C THR A 255 -3.21 28.27 -11.04
N PRO A 256 -3.15 28.56 -12.35
CA PRO A 256 -3.49 27.54 -13.34
C PRO A 256 -2.69 26.24 -13.19
N GLY A 257 -3.36 25.11 -13.38
CA GLY A 257 -2.71 23.81 -13.34
C GLY A 257 -2.01 23.51 -14.64
N LEU A 258 -1.09 22.56 -14.61
CA LEU A 258 -0.45 22.06 -15.80
C LEU A 258 -1.01 20.71 -16.14
N ALA A 259 -1.18 20.47 -17.43
CA ALA A 259 -1.48 19.16 -17.99
C ALA A 259 -0.32 18.80 -18.90
N ILE A 260 0.44 17.77 -18.51
CA ILE A 260 1.60 17.34 -19.25
C ILE A 260 1.22 16.18 -20.14
N PRO A 261 1.24 16.37 -21.46
CA PRO A 261 0.99 15.23 -22.36
C PRO A 261 2.01 14.12 -22.20
N LEU A 262 1.53 12.89 -22.13
CA LEU A 262 2.37 11.72 -21.99
C LEU A 262 2.13 10.86 -23.21
N HIS A 263 3.18 10.67 -23.99
CA HIS A 263 3.14 9.78 -25.14
C HIS A 263 3.93 8.54 -24.78
N GLN A 264 3.81 7.54 -25.64
CA GLN A 264 4.45 6.24 -25.50
C GLN A 264 5.90 6.30 -25.02
N GLY A 265 6.13 5.97 -23.74
CA GLY A 265 7.49 5.89 -23.17
C GLY A 265 8.07 7.15 -22.57
N ASP A 266 7.25 8.18 -22.38
CA ASP A 266 7.69 9.38 -21.69
C ASP A 266 7.79 9.05 -20.21
N CYS A 267 8.69 9.76 -19.53
CA CYS A 267 8.88 9.62 -18.10
C CYS A 267 8.79 10.97 -17.43
N TYR A 268 8.13 11.04 -16.27
CA TYR A 268 8.23 12.21 -15.44
C TYR A 268 8.72 11.87 -14.05
N PHE A 269 9.22 12.89 -13.35
CA PHE A 269 9.87 12.73 -12.06
C PHE A 269 9.34 13.83 -11.14
N MET A 270 8.90 13.44 -9.94
CA MET A 270 8.47 14.37 -8.92
C MET A 270 9.59 14.42 -7.89
N LEU A 271 10.32 15.52 -7.85
CA LEU A 271 11.52 15.59 -7.05
C LEU A 271 11.24 16.28 -5.75
N ASP A 272 11.96 15.81 -4.73
CA ASP A 272 12.06 16.51 -3.47
C ASP A 272 10.68 16.67 -2.80
N ASP A 273 10.28 17.90 -2.44
CA ASP A 273 8.99 18.11 -1.78
C ASP A 273 7.79 18.36 -2.77
N LEU A 274 7.98 18.14 -4.08
CA LEU A 274 6.86 18.30 -5.06
C LEU A 274 5.60 17.55 -4.66
N ASN A 275 5.74 16.26 -4.36
CA ASN A 275 4.63 15.39 -3.98
C ASN A 275 3.86 15.89 -2.77
N ALA A 276 4.50 16.66 -1.91
CA ALA A 276 3.85 17.23 -0.74
C ALA A 276 3.22 18.58 -0.99
N THR A 277 3.88 19.44 -1.76
CA THR A 277 3.40 20.81 -1.96
C THR A 277 2.36 20.88 -3.09
N HIS A 278 2.38 19.90 -3.96
CA HIS A 278 1.50 19.85 -5.11
C HIS A 278 0.68 18.58 -5.09
N GLN A 279 -0.45 18.62 -5.78
CA GLN A 279 -1.28 17.43 -6.04
C GLN A 279 -1.17 17.07 -7.50
N HIS A 280 -1.41 15.80 -7.80
CA HIS A 280 -1.51 15.41 -9.19
C HIS A 280 -2.69 14.50 -9.44
N CYS A 281 -3.04 14.43 -10.73
CA CYS A 281 -4.10 13.59 -11.22
C CYS A 281 -3.65 12.97 -12.52
N VAL A 282 -4.39 11.97 -12.98
CA VAL A 282 -4.17 11.38 -14.31
C VAL A 282 -5.41 11.70 -15.14
N LEU A 283 -5.20 12.36 -16.27
CA LEU A 283 -6.26 12.72 -17.21
C LEU A 283 -6.31 11.65 -18.31
N ALA A 284 -7.48 11.09 -18.56
CA ALA A 284 -7.59 9.96 -19.48
C ALA A 284 -7.51 10.41 -20.91
N GLY A 285 -6.93 9.54 -21.71
CA GLY A 285 -6.98 9.58 -23.15
C GLY A 285 -8.08 8.63 -23.63
N SER A 286 -8.00 8.27 -24.91
CA SER A 286 -8.96 7.37 -25.57
C SER A 286 -8.45 5.94 -25.59
N GLN A 287 -7.13 5.76 -25.68
CA GLN A 287 -6.53 4.44 -25.70
C GLN A 287 -6.33 3.90 -24.28
N PRO A 288 -6.07 2.57 -24.16
CA PRO A 288 -5.61 2.03 -22.90
C PRO A 288 -4.19 2.50 -22.63
N ARG A 289 -3.78 2.41 -21.36
CA ARG A 289 -2.47 2.92 -20.95
C ARG A 289 -1.95 2.25 -19.67
N PHE A 290 -0.67 1.92 -19.69
CA PHE A 290 0.08 1.41 -18.54
C PHE A 290 0.94 2.50 -17.91
N SER A 291 1.25 2.33 -16.63
CA SER A 291 2.33 3.07 -15.99
C SER A 291 3.04 2.25 -14.94
N SER A 292 4.33 2.53 -14.79
CA SER A 292 5.13 1.97 -13.75
C SER A 292 5.59 3.16 -12.91
N THR A 293 5.24 3.17 -11.62
CA THR A 293 5.48 4.30 -10.75
C THR A 293 6.35 3.86 -9.60
N HIS A 294 7.60 4.32 -9.63
CA HIS A 294 8.67 3.88 -8.72
C HIS A 294 8.79 4.84 -7.57
N ARG A 295 8.84 4.28 -6.35
CA ARG A 295 8.70 5.02 -5.11
C ARG A 295 9.70 4.53 -4.05
N VAL A 296 9.94 5.37 -3.06
CA VAL A 296 10.59 4.95 -1.84
C VAL A 296 9.52 4.88 -0.75
N ALA A 297 8.96 3.69 -0.63
CA ALA A 297 7.93 3.41 0.36
C ALA A 297 8.57 3.46 1.70
N GLU A 298 7.94 4.22 2.58
CA GLU A 298 8.28 4.27 3.97
C GLU A 298 7.81 2.94 4.60
N CYS A 299 8.73 1.99 4.70
CA CYS A 299 8.41 0.66 5.20
C CYS A 299 9.02 0.34 6.59
N SER A 300 9.14 1.32 7.47
CA SER A 300 9.65 1.10 8.83
C SER A 300 8.79 0.11 9.67
N THR A 301 7.47 0.06 9.42
CA THR A 301 6.60 -0.95 10.00
C THR A 301 5.86 -1.73 8.92
N GLY A 302 6.52 -1.96 7.80
CA GLY A 302 5.89 -2.54 6.64
C GLY A 302 6.75 -3.55 5.89
N THR A 303 7.67 -4.22 6.57
CA THR A 303 8.35 -5.37 5.96
C THR A 303 8.01 -6.68 6.70
N LEU A 304 8.12 -7.80 5.98
CA LEU A 304 8.07 -9.11 6.62
C LEU A 304 9.02 -9.21 7.84
N ASP A 305 10.27 -8.80 7.66
CA ASP A 305 11.25 -8.86 8.76
C ASP A 305 10.75 -8.09 9.98
N TYR A 306 10.27 -6.86 9.76
CA TYR A 306 9.80 -6.03 10.87
C TYR A 306 8.68 -6.72 11.69
N ILE A 307 7.70 -7.30 10.99
CA ILE A 307 6.52 -7.89 11.67
C ILE A 307 6.86 -9.24 12.35
N LEU A 308 7.68 -10.09 11.71
CA LEU A 308 8.24 -11.28 12.38
C LEU A 308 8.92 -10.94 13.68
N GLN A 309 9.73 -9.88 13.64
CA GLN A 309 10.46 -9.45 14.84
C GLN A 309 9.51 -8.97 15.94
N ARG A 310 8.41 -8.30 15.57
CA ARG A 310 7.38 -7.89 16.53
C ARG A 310 6.69 -9.10 17.18
N CYS A 311 6.45 -10.15 16.40
CA CYS A 311 5.84 -11.38 16.91
C CYS A 311 6.81 -12.09 17.87
N GLN A 312 8.05 -12.21 17.43
CA GLN A 312 9.17 -12.68 18.26
C GLN A 312 9.19 -11.93 19.59
N LEU A 313 8.91 -10.62 19.56
CA LEU A 313 8.88 -9.79 20.78
C LEU A 313 7.68 -10.10 21.69
N ALA A 314 6.49 -10.24 21.10
CA ALA A 314 5.32 -10.63 21.88
C ALA A 314 5.56 -12.03 22.52
N LEU A 315 6.11 -12.97 21.75
CA LEU A 315 6.35 -14.34 22.25
C LEU A 315 7.48 -14.52 23.24
N GLN A 316 8.25 -13.47 23.53
CA GLN A 316 9.20 -13.46 24.64
C GLN A 316 8.54 -13.63 26.01
N ASN A 317 7.27 -13.24 26.12
CA ASN A 317 6.53 -13.42 27.37
C ASN A 317 5.84 -14.80 27.48
N VAL A 318 6.10 -15.72 26.55
CA VAL A 318 5.51 -17.04 26.56
C VAL A 318 6.61 -18.08 26.80
N CYS A 319 6.34 -18.98 27.76
CA CYS A 319 7.20 -20.15 28.02
C CYS A 319 7.21 -21.01 26.76
N ASP A 320 8.38 -21.16 26.16
CA ASP A 320 8.48 -21.62 24.76
C ASP A 320 9.15 -22.98 24.59
N ASP A 321 9.10 -23.82 25.62
CA ASP A 321 9.65 -25.18 25.53
C ASP A 321 9.07 -25.95 24.35
N VAL A 322 7.74 -25.93 24.27
CA VAL A 322 7.01 -26.78 23.30
C VAL A 322 5.82 -25.97 22.74
N ASP A 323 5.49 -26.22 21.47
CA ASP A 323 4.34 -25.59 20.80
C ASP A 323 3.08 -26.45 20.94
N ASN A 324 2.25 -26.12 21.92
CA ASN A 324 0.97 -26.77 22.16
C ASN A 324 -0.06 -25.77 22.74
N ASP A 325 -1.27 -26.23 23.09
CA ASP A 325 -2.32 -25.34 23.59
C ASP A 325 -2.20 -24.93 25.07
N ASP A 326 -1.24 -25.51 25.81
CA ASP A 326 -0.93 -25.04 27.18
C ASP A 326 0.03 -23.84 27.12
N VAL A 327 -0.54 -22.66 26.86
CA VAL A 327 0.19 -21.39 26.81
C VAL A 327 0.25 -20.79 28.20
N SER A 328 1.47 -20.62 28.73
CA SER A 328 1.66 -19.91 29.99
C SER A 328 2.66 -18.77 29.80
N LEU A 329 2.50 -17.75 30.62
CA LEU A 329 3.20 -16.49 30.45
C LEU A 329 4.17 -16.25 31.58
N LYS A 330 5.27 -15.58 31.25
CA LYS A 330 6.36 -15.33 32.21
C LYS A 330 6.01 -14.20 33.15
N SER A 331 5.37 -13.15 32.61
CA SER A 331 4.95 -11.99 33.39
C SER A 331 3.49 -11.62 33.10
N PHE A 332 2.92 -10.90 34.06
CA PHE A 332 1.67 -10.20 33.91
C PHE A 332 1.83 -8.72 34.29
N GLU A 333 3.06 -8.19 34.18
CA GLU A 333 3.31 -6.76 34.35
C GLU A 333 2.56 -6.01 33.23
N PRO A 334 1.66 -5.07 33.58
CA PRO A 334 0.78 -4.37 32.64
C PRO A 334 1.40 -4.03 31.29
N ALA A 335 2.55 -3.37 31.30
CA ALA A 335 3.20 -2.92 30.08
C ALA A 335 3.59 -4.06 29.13
N VAL A 336 3.93 -5.22 29.69
CA VAL A 336 4.27 -6.40 28.89
C VAL A 336 3.01 -6.97 28.22
N LEU A 337 1.91 -7.00 28.96
CA LEU A 337 0.66 -7.51 28.44
C LEU A 337 0.05 -6.56 27.39
N LYS A 338 0.11 -5.26 27.63
CA LYS A 338 -0.36 -4.26 26.67
C LYS A 338 0.34 -4.45 25.33
N GLN A 339 1.67 -4.48 25.37
CA GLN A 339 2.53 -4.66 24.20
C GLN A 339 2.15 -5.93 23.41
N GLY A 340 1.97 -7.03 24.15
CA GLY A 340 1.59 -8.28 23.54
C GLY A 340 0.26 -8.20 22.80
N GLU A 341 -0.72 -7.56 23.41
CA GLU A 341 -2.04 -7.42 22.82
C GLU A 341 -2.04 -6.44 21.64
N GLU A 342 -1.24 -5.37 21.72
CA GLU A 342 -1.04 -4.46 20.59
C GLU A 342 -0.41 -5.16 19.37
N ILE A 343 0.57 -6.02 19.62
CA ILE A 343 1.24 -6.78 18.56
C ILE A 343 0.32 -7.82 17.92
N HIS A 344 -0.49 -8.48 18.73
CA HIS A 344 -1.58 -9.38 18.29
C HIS A 344 -2.48 -8.65 17.25
N ASN A 345 -2.91 -7.43 17.55
CA ASN A 345 -3.71 -6.63 16.61
C ASN A 345 -2.93 -6.26 15.36
N GLU A 346 -1.67 -5.89 15.53
CA GLU A 346 -0.87 -5.48 14.41
C GLU A 346 -0.73 -6.58 13.39
N VAL A 347 -0.31 -7.78 13.82
CA VAL A 347 -0.22 -8.92 12.91
C VAL A 347 -1.58 -9.31 12.34
N GLU A 348 -2.64 -9.23 13.13
CA GLU A 348 -3.95 -9.66 12.65
C GLU A 348 -4.49 -8.75 11.55
N PHE A 349 -4.45 -7.44 11.80
CA PHE A 349 -5.17 -6.47 10.98
C PHE A 349 -4.36 -5.74 9.93
N GLU A 350 -3.05 -5.59 10.15
CA GLU A 350 -2.18 -4.96 9.18
C GLU A 350 -1.64 -5.99 8.25
N TRP A 351 -1.65 -7.26 8.63
CA TRP A 351 -0.97 -8.29 7.84
C TRP A 351 -1.93 -9.39 7.41
N LEU A 352 -2.46 -10.16 8.36
CA LEU A 352 -3.28 -11.32 8.01
C LEU A 352 -4.54 -10.95 7.24
N ARG A 353 -5.33 -10.03 7.79
CA ARG A 353 -6.62 -9.68 7.18
C ARG A 353 -6.50 -8.83 5.94
N GLN A 354 -5.43 -8.03 5.85
CA GLN A 354 -5.11 -7.26 4.65
C GLN A 354 -4.72 -8.20 3.51
N PHE A 355 -3.93 -9.23 3.82
CA PHE A 355 -3.51 -10.20 2.82
C PHE A 355 -4.68 -11.01 2.24
N TRP A 356 -5.47 -11.61 3.13
CA TRP A 356 -6.53 -12.52 2.73
C TRP A 356 -7.76 -11.79 2.18
N PHE A 357 -7.90 -10.50 2.46
CA PHE A 357 -8.92 -9.67 1.80
C PHE A 357 -8.74 -9.62 0.28
N GLN A 358 -7.50 -9.85 -0.20
CA GLN A 358 -7.18 -9.82 -1.62
C GLN A 358 -7.31 -11.21 -2.33
N GLY A 359 -8.17 -12.09 -1.82
CA GLY A 359 -8.52 -13.38 -2.45
C GLY A 359 -7.41 -14.28 -2.98
N ASN A 360 -6.20 -14.13 -2.41
CA ASN A 360 -4.98 -14.72 -2.95
C ASN A 360 -4.81 -14.50 -4.46
N ARG A 361 -4.90 -13.23 -4.86
CA ARG A 361 -4.46 -12.77 -6.17
C ARG A 361 -2.93 -12.86 -6.37
N TYR A 362 -2.18 -12.96 -5.25
CA TYR A 362 -0.71 -13.07 -5.27
C TYR A 362 -0.22 -14.44 -5.77
N ARG A 363 -0.76 -15.51 -5.16
CA ARG A 363 -0.58 -16.93 -5.59
C ARG A 363 -0.49 -17.11 -7.11
N LYS A 364 -1.40 -16.43 -7.81
CA LYS A 364 -1.47 -16.39 -9.27
C LYS A 364 -0.11 -16.07 -9.94
N CYS A 365 0.56 -15.01 -9.47
CA CYS A 365 1.85 -14.57 -10.03
C CYS A 365 3.07 -15.14 -9.28
N THR A 366 2.98 -15.18 -7.95
CA THR A 366 4.06 -15.73 -7.11
C THR A 366 3.49 -16.44 -5.89
N ASP A 367 4.24 -17.38 -5.32
CA ASP A 367 3.85 -17.96 -4.04
C ASP A 367 4.80 -17.50 -2.91
N TRP A 368 5.46 -16.35 -3.10
CA TRP A 368 6.47 -15.86 -2.15
C TRP A 368 5.91 -15.65 -0.74
N TRP A 369 4.66 -15.19 -0.68
CA TRP A 369 4.02 -14.81 0.58
C TRP A 369 3.28 -15.97 1.26
N CYS A 370 3.24 -17.15 0.62
CA CYS A 370 2.53 -18.34 1.19
C CYS A 370 3.10 -18.85 2.51
N GLN A 371 4.38 -19.24 2.54
CA GLN A 371 4.97 -19.67 3.80
C GLN A 371 4.90 -18.51 4.81
N PRO A 372 5.46 -17.32 4.46
CA PRO A 372 5.39 -16.16 5.38
C PRO A 372 4.05 -15.95 6.06
N MET A 373 2.97 -15.99 5.30
CA MET A 373 1.62 -15.80 5.84
C MET A 373 1.04 -16.98 6.64
N ALA A 374 1.43 -18.21 6.31
CA ALA A 374 1.13 -19.37 7.15
C ALA A 374 1.85 -19.23 8.48
N GLN A 375 3.12 -18.83 8.42
CA GLN A 375 3.94 -18.64 9.61
C GLN A 375 3.41 -17.49 10.51
N LEU A 376 2.97 -16.40 9.88
CA LEU A 376 2.38 -15.29 10.63
C LEU A 376 1.07 -15.70 11.27
N GLU A 377 0.27 -16.52 10.60
CA GLU A 377 -0.98 -17.05 11.18
C GLU A 377 -0.76 -17.92 12.41
N ALA A 378 0.20 -18.82 12.33
CA ALA A 378 0.58 -19.66 13.48
C ALA A 378 1.09 -18.79 14.66
N LEU A 379 1.85 -17.73 14.37
CA LEU A 379 2.29 -16.80 15.42
C LEU A 379 1.12 -16.09 16.04
N TRP A 380 0.23 -15.54 15.20
CA TRP A 380 -1.07 -15.01 15.64
C TRP A 380 -1.91 -16.03 16.47
N LYS A 381 -1.93 -17.30 16.07
CA LYS A 381 -2.70 -18.35 16.77
C LYS A 381 -2.20 -18.54 18.21
N LYS A 382 -0.89 -18.58 18.37
CA LYS A 382 -0.22 -18.59 19.67
C LYS A 382 -0.66 -17.41 20.53
N MET A 383 -0.72 -16.24 19.90
CA MET A 383 -1.16 -15.01 20.59
C MET A 383 -2.61 -15.04 21.01
N GLU A 384 -3.44 -15.77 20.29
CA GLU A 384 -4.80 -16.08 20.75
C GLU A 384 -4.67 -16.82 22.09
N GLY A 385 -3.87 -17.88 22.08
CA GLY A 385 -3.49 -18.58 23.31
C GLY A 385 -3.05 -17.67 24.44
N VAL A 386 -2.33 -16.59 24.11
CA VAL A 386 -1.84 -15.63 25.12
C VAL A 386 -2.99 -14.81 25.69
N THR A 387 -3.85 -14.30 24.81
CA THR A 387 -5.02 -13.54 25.24
C THR A 387 -5.93 -14.42 26.14
N ASN A 388 -6.10 -15.67 25.78
CA ASN A 388 -6.81 -16.63 26.60
C ASN A 388 -6.18 -16.78 27.98
N ALA A 389 -4.86 -16.94 28.01
CA ALA A 389 -4.14 -17.08 29.29
C ALA A 389 -4.23 -15.83 30.15
N VAL A 390 -4.25 -14.63 29.56
CA VAL A 390 -4.37 -13.39 30.34
C VAL A 390 -5.75 -13.32 30.97
N LEU A 391 -6.78 -13.68 30.18
CA LEU A 391 -8.17 -13.72 30.64
C LEU A 391 -8.38 -14.70 31.80
N HIS A 392 -7.79 -15.87 31.67
CA HIS A 392 -7.74 -16.87 32.75
C HIS A 392 -7.23 -16.24 34.05
N GLU A 393 -6.07 -15.57 33.98
CA GLU A 393 -5.44 -14.93 35.13
C GLU A 393 -6.31 -13.85 35.85
N VAL A 394 -7.00 -12.99 35.11
CA VAL A 394 -7.88 -11.97 35.73
C VAL A 394 -9.11 -12.55 36.44
N LYS A 395 -9.52 -13.76 36.06
CA LYS A 395 -10.59 -14.51 36.75
C LYS A 395 -10.11 -15.34 37.94
N ARG A 396 -8.84 -15.22 38.33
CA ARG A 396 -8.27 -16.06 39.38
C ARG A 396 -8.68 -15.58 40.77
N GLU A 397 -9.46 -16.42 41.47
CA GLU A 397 -9.72 -16.26 42.90
C GLU A 397 -8.37 -16.44 43.60
N GLY A 398 -7.86 -15.33 44.15
CA GLY A 398 -6.49 -15.26 44.63
C GLY A 398 -5.84 -13.94 44.28
N LEU A 399 -6.19 -13.38 43.12
CA LEU A 399 -5.59 -12.14 42.66
C LEU A 399 -6.24 -10.95 43.36
N PRO A 400 -5.42 -10.05 43.96
CA PRO A 400 -5.96 -8.80 44.49
C PRO A 400 -6.61 -7.97 43.42
N VAL A 401 -7.82 -7.46 43.67
CA VAL A 401 -8.52 -6.58 42.75
C VAL A 401 -7.63 -5.43 42.25
N GLU A 402 -6.72 -4.97 43.11
CA GLU A 402 -5.75 -3.96 42.73
C GLU A 402 -4.83 -4.38 41.58
N GLN A 403 -4.36 -5.62 41.58
CA GLN A 403 -3.58 -6.16 40.45
C GLN A 403 -4.46 -6.45 39.23
N ARG A 404 -5.72 -6.81 39.47
CA ARG A 404 -6.70 -7.04 38.40
C ARG A 404 -7.01 -5.75 37.62
N ASN A 405 -7.30 -4.66 38.34
CA ASN A 405 -7.61 -3.36 37.71
C ASN A 405 -6.43 -2.75 36.92
N GLU A 406 -5.21 -2.98 37.38
CA GLU A 406 -4.02 -2.51 36.65
C GLU A 406 -3.81 -3.33 35.35
N ILE A 407 -4.23 -4.59 35.36
CA ILE A 407 -4.20 -5.45 34.16
C ILE A 407 -5.23 -5.02 33.11
N LEU A 408 -6.45 -4.71 33.55
CA LEU A 408 -7.51 -4.31 32.62
C LEU A 408 -7.16 -3.00 31.89
N THR A 409 -6.71 -1.99 32.64
CA THR A 409 -6.27 -0.70 32.06
C THR A 409 -5.12 -0.84 31.05
N ALA A 410 -4.31 -1.88 31.21
CA ALA A 410 -3.27 -2.21 30.23
C ALA A 410 -3.83 -2.77 28.92
N ILE A 411 -4.81 -3.67 29.01
CA ILE A 411 -5.25 -4.46 27.84
C ILE A 411 -6.57 -4.03 27.19
N LEU A 412 -7.36 -3.16 27.83
CA LEU A 412 -8.74 -2.93 27.38
C LEU A 412 -8.83 -2.19 26.04
N ALA A 413 -8.02 -1.14 25.86
CA ALA A 413 -7.98 -0.39 24.58
C ALA A 413 -7.65 -1.31 23.40
N SER A 414 -6.73 -2.27 23.63
CA SER A 414 -6.35 -3.26 22.62
C SER A 414 -7.44 -4.25 22.25
N LEU A 415 -8.19 -4.72 23.25
CA LEU A 415 -9.29 -5.69 23.04
C LEU A 415 -10.55 -4.97 22.51
N THR A 416 -10.75 -3.72 22.96
CA THR A 416 -11.75 -2.82 22.38
C THR A 416 -11.50 -2.73 20.86
N ALA A 417 -10.34 -2.17 20.51
CA ALA A 417 -9.93 -1.99 19.12
C ALA A 417 -9.91 -3.29 18.28
N ARG A 418 -9.66 -4.43 18.92
CA ARG A 418 -9.76 -5.74 18.25
C ARG A 418 -11.19 -6.10 17.87
N GLN A 419 -12.16 -5.64 18.67
CA GLN A 419 -13.58 -5.93 18.42
C GLN A 419 -14.16 -5.09 17.29
N ASN A 420 -13.81 -3.81 17.27
CA ASN A 420 -14.30 -2.87 16.26
C ASN A 420 -13.74 -3.19 14.88
N LEU A 421 -12.43 -3.39 14.82
CA LEU A 421 -11.75 -3.72 13.57
C LEU A 421 -12.16 -5.10 13.05
N ARG A 422 -12.46 -6.04 13.95
CA ARG A 422 -13.02 -7.35 13.51
C ARG A 422 -14.40 -7.24 12.84
N ARG A 423 -15.23 -6.32 13.33
CA ARG A 423 -16.53 -6.06 12.73
C ARG A 423 -16.36 -5.37 11.38
N GLU A 424 -15.53 -4.32 11.37
CA GLU A 424 -15.20 -3.58 10.16
C GLU A 424 -14.70 -4.55 9.10
N TRP A 425 -13.70 -5.37 9.42
CA TRP A 425 -13.17 -6.34 8.44
C TRP A 425 -14.15 -7.42 8.01
N HIS A 426 -14.94 -7.94 8.95
CA HIS A 426 -15.95 -8.96 8.64
C HIS A 426 -17.04 -8.41 7.71
N ALA A 427 -17.58 -7.25 8.07
CA ALA A 427 -18.58 -6.52 7.26
C ALA A 427 -18.04 -6.14 5.88
N ARG A 428 -16.81 -5.63 5.84
CA ARG A 428 -16.10 -5.29 4.60
C ARG A 428 -15.88 -6.51 3.67
N CYS A 429 -15.76 -7.72 4.23
CA CYS A 429 -15.73 -8.95 3.44
C CYS A 429 -17.11 -9.36 2.91
N GLN A 430 -18.17 -8.75 3.46
CA GLN A 430 -19.56 -9.18 3.20
C GLN A 430 -20.41 -8.16 2.41
N SER A 431 -19.85 -7.00 2.04
CA SER A 431 -20.60 -5.96 1.32
C SER A 431 -21.06 -6.48 -0.05
N ARG A 432 -22.24 -6.04 -0.49
CA ARG A 432 -22.87 -6.54 -1.73
C ARG A 432 -21.90 -6.50 -2.92
N ILE A 433 -21.13 -5.41 -3.00
CA ILE A 433 -20.05 -5.25 -3.97
C ILE A 433 -18.99 -6.35 -3.91
N ALA A 434 -18.65 -6.78 -2.69
CA ALA A 434 -17.67 -7.87 -2.47
C ALA A 434 -18.21 -9.26 -2.85
N ARG A 435 -19.53 -9.44 -2.73
CA ARG A 435 -20.19 -10.68 -3.13
C ARG A 435 -20.06 -11.02 -4.63
N THR A 436 -19.84 -10.00 -5.47
CA THR A 436 -19.86 -10.15 -6.95
C THR A 436 -18.62 -10.84 -7.61
N LEU A 437 -17.60 -11.17 -6.82
CA LEU A 437 -16.43 -11.94 -7.29
C LEU A 437 -15.62 -11.22 -8.38
N GLN A 441 -11.80 -15.33 -7.52
CA GLN A 441 -10.94 -14.83 -6.44
C GLN A 441 -11.50 -13.58 -5.73
N LYS A 442 -12.54 -13.78 -4.90
CA LYS A 442 -13.19 -12.73 -4.08
C LYS A 442 -12.56 -12.62 -2.66
N PRO A 443 -12.99 -11.63 -1.84
CA PRO A 443 -12.33 -11.41 -0.53
C PRO A 443 -12.69 -12.39 0.59
N GLU A 444 -11.68 -13.12 1.10
CA GLU A 444 -11.84 -14.08 2.19
C GLU A 444 -11.57 -13.45 3.59
N CYS A 445 -12.55 -13.57 4.49
CA CYS A 445 -12.39 -13.13 5.89
C CYS A 445 -11.60 -14.21 6.61
N ARG A 446 -10.34 -13.91 6.93
CA ARG A 446 -9.43 -14.91 7.48
C ARG A 446 -8.40 -14.24 8.40
N PRO A 447 -8.14 -14.78 9.60
CA PRO A 447 -8.78 -15.99 10.15
C PRO A 447 -10.22 -15.77 10.63
N TYR A 448 -11.07 -16.76 10.37
CA TYR A 448 -12.48 -16.79 10.85
C TYR A 448 -12.84 -18.22 11.27
N TRP A 449 -13.63 -18.32 12.34
CA TRP A 449 -14.00 -19.62 12.91
C TRP A 449 -15.33 -19.48 13.68
N GLU A 450 -16.13 -20.55 13.64
CA GLU A 450 -17.44 -20.56 14.31
C GLU A 450 -17.27 -20.89 15.79
N LYS A 451 -18.21 -20.40 16.61
CA LYS A 451 -18.24 -20.68 18.06
C LYS A 451 -18.12 -22.17 18.41
N ASP A 452 -18.74 -23.03 17.61
CA ASP A 452 -18.64 -24.48 17.80
C ASP A 452 -17.30 -25.01 17.25
N ASP A 453 -16.20 -24.55 17.81
CA ASP A 453 -14.85 -24.88 17.32
C ASP A 453 -13.77 -24.75 18.40
N ALA A 454 -13.40 -25.88 18.99
CA ALA A 454 -12.40 -25.93 20.06
C ALA A 454 -10.97 -26.18 19.58
N SER A 455 -10.70 -26.01 18.29
CA SER A 455 -9.31 -25.82 17.83
C SER A 455 -8.78 -24.44 18.25
N MET A 456 -9.70 -23.48 18.42
CA MET A 456 -9.37 -22.10 18.84
C MET A 456 -9.75 -21.90 20.30
N PRO A 457 -8.86 -21.31 21.10
CA PRO A 457 -9.20 -21.06 22.51
C PRO A 457 -10.28 -20.00 22.75
N LEU A 458 -10.38 -19.00 21.87
CA LEU A 458 -11.30 -17.87 22.07
C LEU A 458 -12.32 -17.74 20.94
N PRO A 459 -13.43 -17.03 21.19
CA PRO A 459 -14.41 -16.79 20.15
C PRO A 459 -14.03 -15.57 19.30
N PHE A 460 -14.43 -15.57 18.02
CA PHE A 460 -14.26 -14.42 17.13
C PHE A 460 -14.97 -13.14 17.62
N ASP A 461 -16.18 -13.30 18.17
CA ASP A 461 -16.93 -12.15 18.70
C ASP A 461 -16.58 -11.98 20.17
N LEU A 462 -16.02 -10.82 20.51
CA LEU A 462 -15.52 -10.54 21.86
C LEU A 462 -16.45 -9.63 22.67
N THR A 463 -17.67 -9.39 22.19
CA THR A 463 -18.62 -8.49 22.84
C THR A 463 -18.96 -9.00 24.24
N ASP A 464 -19.25 -10.29 24.35
CA ASP A 464 -19.43 -10.97 25.66
C ASP A 464 -18.26 -10.62 26.59
N ILE A 465 -17.06 -10.83 26.07
CA ILE A 465 -15.84 -10.74 26.85
C ILE A 465 -15.48 -9.28 27.16
N VAL A 466 -15.43 -8.41 26.14
CA VAL A 466 -15.11 -6.99 26.37
C VAL A 466 -16.12 -6.30 27.29
N SER A 467 -17.39 -6.68 27.20
CA SER A 467 -18.41 -6.07 28.04
C SER A 467 -18.22 -6.46 29.51
N GLU A 468 -17.95 -7.74 29.77
CA GLU A 468 -17.73 -8.26 31.14
C GLU A 468 -16.55 -7.61 31.88
N LEU A 469 -15.48 -7.30 31.14
CA LEU A 469 -14.29 -6.65 31.70
C LEU A 469 -14.51 -5.19 32.12
N ARG A 470 -15.48 -4.53 31.51
CA ARG A 470 -15.80 -3.13 31.84
C ARG A 470 -16.52 -3.00 33.18
N GLY A 471 -17.67 -3.66 33.31
CA GLY A 471 -18.55 -3.56 34.49
C GLY A 471 -17.84 -3.67 35.83
N GLN A 472 -16.79 -4.49 35.86
CA GLN A 472 -15.87 -4.55 36.99
C GLN A 472 -15.25 -3.18 37.24
N LEU A 473 -14.45 -2.73 36.28
CA LEU A 473 -13.70 -1.48 36.38
C LEU A 473 -14.60 -0.26 36.16
C1 OGA B . -0.77 6.53 -9.60
C2 OGA B . -0.53 7.97 -9.76
C4 OGA B . 0.96 7.62 -11.70
C5 OGA B . 0.54 7.57 -13.13
O1 OGA B . 0.13 5.77 -9.16
O2 OGA B . -1.90 6.06 -9.91
O2' OGA B . -0.93 8.74 -8.91
O3 OGA B . -0.16 6.59 -13.50
N1 OGA B . 0.18 8.46 -10.80
O4 OGA B . 0.91 8.47 -13.90
C11 B6C C . -6.31 8.04 -5.70
C02 B6C C . -6.03 5.76 -6.44
C03 B6C C . -4.83 5.67 -5.74
C04 B6C C . -4.34 6.76 -5.00
C09 B6C C . -2.67 7.30 -2.98
C15 B6C C . -9.30 6.40 -6.86
C16 B6C C . -9.45 5.41 -5.90
C17 B6C C . -10.69 4.81 -5.67
C18 B6C C . -11.82 5.21 -6.40
C19 B6C C . -11.69 6.20 -7.36
C20 B6C C . -10.44 6.78 -7.59
C21 B6C C . -10.34 7.86 -8.62
CL1 B6C C . -6.61 4.39 -7.35
C05 B6C C . -3.02 6.67 -4.22
C06 B6C C . -1.85 5.94 -4.57
N07 B6C C . -0.94 6.17 -3.62
N08 B6C C . -1.42 6.95 -2.68
C10 B6C C . -5.10 7.93 -5.00
CL2 B6C C . -7.19 9.54 -5.66
C13 B6C C . -6.79 6.94 -6.41
N14 B6C C . -8.02 7.03 -7.14
N22 B6C C . -11.31 8.08 -9.39
O23 B6C C . -9.52 8.78 -8.34
C42 B6C C . -1.65 5.09 -5.80
C52 B6C C . -3.54 8.21 -2.13
O62 B6C C . -11.92 9.48 -9.50
#